data_9MPX
#
_entry.id   9MPX
#
_cell.length_a   98.809
_cell.length_b   60.270
_cell.length_c   81.995
_cell.angle_alpha   90.00
_cell.angle_beta   112.89
_cell.angle_gamma   90.00
#
_symmetry.space_group_name_H-M   'C 1 2 1'
#
loop_
_entity.id
_entity.type
_entity.pdbx_description
1 polymer 'Fab heavy chain'
2 polymer 'Fab light chain'
3 water water
#
loop_
_entity_poly.entity_id
_entity_poly.type
_entity_poly.pdbx_seq_one_letter_code
_entity_poly.pdbx_strand_id
1 'polypeptide(L)'
;QVQLVQSGAEVKKPGASVKLSCKASGYTFTVHAISWVRQAPGQGLDWMGGIIPLVGMTNYAQRFQGRVTITADTSTTTAY
MELSSLRSEDTAVYYCARGPDVVADYGDDYGYHYRPEDNYLDIWGPGTPITISSASTKGPSVFPLAPSSKSTSGGTAALG
CLVKDYFPEPVTVSWNSGALTSGVHTFPAVLQSSGLYSLSSVVTVPSSSLGTQTYICNVNHKPSNTKVDKKVEPKSC
;
H
2 'polypeptide(L)'
;DIQMTQSPSSLSASVGDRVTITCRASENVNNCLHWYQQKPGKAPKLLIYAAFTLQNGVPSRFSGSGSGTDFTLTITSLQP
EDVATYYCQHSYGSPLTFGGGTKVEIKRTVAAPSVFIFPPSDEQLKSGTASVVCLLNNFYPREAKVQWKVDNALQSGNSQ
ESVTEQDSKDSTYSLSSTLTLSKADYEKHKVYACEVTHQGLSSPVTKSFNRGEC
;
L
#
# COMPACT_ATOMS: atom_id res chain seq x y z
N VAL A 2 2.96 0.67 -23.32
CA VAL A 2 3.72 -0.38 -22.66
C VAL A 2 3.01 -0.76 -21.37
N GLN A 3 2.84 -2.08 -21.17
CA GLN A 3 2.07 -2.59 -20.05
C GLN A 3 2.59 -3.96 -19.66
N LEU A 4 2.66 -4.20 -18.35
CA LEU A 4 2.89 -5.53 -17.79
C LEU A 4 1.73 -5.83 -16.85
N VAL A 5 1.00 -6.90 -17.15
CA VAL A 5 -0.15 -7.34 -16.37
C VAL A 5 0.23 -8.64 -15.71
N GLN A 6 0.04 -8.73 -14.40
CA GLN A 6 0.47 -9.89 -13.64
C GLN A 6 -0.72 -10.66 -13.10
N SER A 7 -0.51 -11.96 -12.90
CA SER A 7 -1.53 -12.81 -12.31
C SER A 7 -1.84 -12.37 -10.87
N GLY A 8 -2.97 -12.88 -10.36
CA GLY A 8 -3.49 -12.40 -9.10
C GLY A 8 -2.84 -13.01 -7.87
N ALA A 9 -3.05 -12.34 -6.74
CA ALA A 9 -2.56 -12.77 -5.44
C ALA A 9 -3.15 -14.12 -5.05
N GLU A 10 -2.42 -14.84 -4.20
CA GLU A 10 -2.73 -16.23 -3.85
C GLU A 10 -2.15 -16.55 -2.49
N VAL A 11 -2.82 -17.44 -1.76
CA VAL A 11 -2.20 -18.15 -0.64
C VAL A 11 -1.85 -19.55 -1.13
N LYS A 12 -0.67 -20.02 -0.74
CA LYS A 12 -0.16 -21.35 -1.08
C LYS A 12 0.30 -22.03 0.19
N LYS A 13 0.05 -23.33 0.30
CA LYS A 13 0.54 -24.09 1.46
C LYS A 13 2.06 -24.28 1.40
N PRO A 14 2.72 -24.41 2.55
CA PRO A 14 4.15 -24.75 2.53
C PRO A 14 4.38 -26.06 1.77
N GLY A 15 5.45 -26.10 0.97
CA GLY A 15 5.72 -27.25 0.10
C GLY A 15 5.05 -27.22 -1.25
N ALA A 16 4.08 -26.34 -1.46
CA ALA A 16 3.44 -26.28 -2.75
C ALA A 16 4.38 -25.63 -3.78
N SER A 17 3.87 -25.51 -5.00
CA SER A 17 4.51 -24.76 -6.07
C SER A 17 3.57 -23.67 -6.56
N VAL A 18 4.13 -22.61 -7.09
CA VAL A 18 3.35 -21.53 -7.68
C VAL A 18 3.98 -21.13 -8.99
N LYS A 19 3.15 -20.88 -9.99
CA LYS A 19 3.58 -20.38 -11.29
C LYS A 19 2.94 -19.02 -11.52
N LEU A 20 3.76 -17.97 -11.52
CA LEU A 20 3.31 -16.61 -11.74
C LEU A 20 3.46 -16.25 -13.22
N SER A 21 2.58 -15.36 -13.69
CA SER A 21 2.59 -14.99 -15.10
C SER A 21 2.67 -13.47 -15.24
N CYS A 22 3.26 -13.04 -16.34
CA CYS A 22 3.50 -11.62 -16.63
C CYS A 22 3.19 -11.41 -18.11
N LYS A 23 2.04 -10.79 -18.41
CA LYS A 23 1.60 -10.57 -19.78
C LYS A 23 2.09 -9.22 -20.26
N ALA A 24 3.00 -9.22 -21.24
CA ALA A 24 3.56 -7.99 -21.79
C ALA A 24 2.80 -7.55 -23.03
N SER A 25 2.72 -6.24 -23.22
CA SER A 25 2.04 -5.67 -24.39
C SER A 25 2.60 -4.29 -24.66
N GLY A 26 2.41 -3.82 -25.89
CA GLY A 26 2.85 -2.49 -26.27
C GLY A 26 4.30 -2.36 -26.69
N TYR A 27 5.01 -3.47 -26.89
CA TYR A 27 6.42 -3.38 -27.28
C TYR A 27 6.86 -4.74 -27.81
N THR A 28 8.02 -4.75 -28.45
CA THR A 28 8.57 -5.98 -29.05
C THR A 28 9.01 -6.92 -27.94
N PHE A 29 8.17 -7.92 -27.66
CA PHE A 29 8.39 -8.80 -26.52
C PHE A 29 9.76 -9.47 -26.57
N THR A 30 10.19 -9.90 -27.76
CA THR A 30 11.35 -10.75 -27.86
C THR A 30 12.68 -10.03 -27.60
N VAL A 31 12.69 -8.69 -27.63
CA VAL A 31 13.94 -7.94 -27.60
C VAL A 31 14.18 -7.27 -26.25
N HIS A 32 13.43 -7.64 -25.22
CA HIS A 32 13.62 -7.07 -23.89
C HIS A 32 13.71 -8.18 -22.86
N ALA A 33 14.72 -8.10 -22.00
CA ALA A 33 14.81 -9.02 -20.87
C ALA A 33 13.73 -8.71 -19.85
N ILE A 34 13.06 -9.76 -19.38
CA ILE A 34 12.05 -9.65 -18.32
C ILE A 34 12.63 -10.30 -17.07
N SER A 35 12.82 -9.49 -16.03
CA SER A 35 13.33 -9.94 -14.74
C SER A 35 12.19 -10.14 -13.76
N TRP A 36 12.40 -11.04 -12.81
CA TRP A 36 11.53 -11.23 -11.66
C TRP A 36 12.26 -10.73 -10.41
N VAL A 37 11.59 -9.87 -9.65
CA VAL A 37 12.16 -9.21 -8.48
C VAL A 37 11.20 -9.43 -7.32
N ARG A 38 11.70 -9.99 -6.23
CA ARG A 38 10.86 -10.25 -5.06
C ARG A 38 11.00 -9.10 -4.07
N GLN A 39 9.89 -8.72 -3.45
CA GLN A 39 9.95 -7.74 -2.36
C GLN A 39 9.24 -8.31 -1.14
N ALA A 40 10.02 -8.64 -0.12
CA ALA A 40 9.54 -9.27 1.09
C ALA A 40 9.88 -8.37 2.28
N PRO A 41 9.03 -8.38 3.31
CA PRO A 41 9.31 -7.57 4.50
C PRO A 41 10.66 -7.95 5.12
N GLY A 42 11.49 -6.95 5.32
CA GLY A 42 12.81 -7.15 5.92
C GLY A 42 13.90 -7.50 4.94
N GLN A 43 13.66 -8.49 4.08
CA GLN A 43 14.64 -8.87 3.07
C GLN A 43 14.81 -7.79 1.99
N GLY A 44 13.79 -6.94 1.78
CA GLY A 44 13.86 -5.89 0.78
C GLY A 44 13.59 -6.40 -0.64
N LEU A 45 14.16 -5.68 -1.61
CA LEU A 45 14.11 -6.08 -3.03
C LEU A 45 15.23 -7.07 -3.35
N ASP A 46 14.88 -8.18 -3.97
CA ASP A 46 15.84 -9.21 -4.35
C ASP A 46 15.53 -9.68 -5.77
N TRP A 47 16.52 -9.55 -6.64
CA TRP A 47 16.41 -10.11 -7.98
C TRP A 47 16.47 -11.62 -7.91
N MET A 48 15.61 -12.27 -8.69
CA MET A 48 15.58 -13.71 -8.75
C MET A 48 16.07 -14.28 -10.06
N GLY A 49 16.01 -13.51 -11.13
CA GLY A 49 16.50 -13.98 -12.42
C GLY A 49 15.72 -13.30 -13.52
N GLY A 50 16.13 -13.59 -14.75
CA GLY A 50 15.46 -13.03 -15.90
C GLY A 50 15.58 -13.95 -17.09
N ILE A 51 14.97 -13.52 -18.19
CA ILE A 51 14.97 -14.30 -19.41
C ILE A 51 14.85 -13.34 -20.59
N ILE A 52 15.55 -13.66 -21.67
CA ILE A 52 15.46 -12.91 -22.93
C ILE A 52 14.61 -13.75 -23.89
N PRO A 53 13.36 -13.38 -24.14
CA PRO A 53 12.44 -14.28 -24.85
C PRO A 53 12.82 -14.56 -26.31
N LEU A 54 13.91 -14.01 -26.84
CA LEU A 54 14.27 -14.28 -28.22
C LEU A 54 14.70 -15.74 -28.40
N VAL A 55 15.79 -16.13 -27.73
CA VAL A 55 16.21 -17.52 -27.70
C VAL A 55 15.83 -18.21 -26.40
N GLY A 56 15.31 -17.48 -25.42
CA GLY A 56 14.92 -18.06 -24.16
C GLY A 56 16.03 -18.25 -23.16
N MET A 57 17.19 -17.62 -23.37
CA MET A 57 18.27 -17.70 -22.40
C MET A 57 17.83 -17.10 -21.07
N THR A 58 18.13 -17.82 -20.00
CA THR A 58 17.77 -17.40 -18.65
C THR A 58 19.02 -17.20 -17.80
N ASN A 59 18.79 -16.77 -16.57
CA ASN A 59 19.85 -16.41 -15.65
C ASN A 59 19.21 -16.28 -14.28
N TYR A 60 19.82 -16.88 -13.25
CA TYR A 60 19.20 -17.04 -11.95
C TYR A 60 20.13 -16.59 -10.86
N ALA A 61 19.59 -15.82 -9.90
CA ALA A 61 20.32 -15.59 -8.66
C ALA A 61 20.64 -16.94 -8.00
N GLN A 62 21.86 -17.06 -7.47
CA GLN A 62 22.30 -18.34 -6.93
C GLN A 62 21.47 -18.74 -5.72
N ARG A 63 21.07 -17.77 -4.89
CA ARG A 63 20.24 -18.07 -3.75
C ARG A 63 18.97 -18.81 -4.15
N PHE A 64 18.49 -18.59 -5.37
CA PHE A 64 17.22 -19.16 -5.84
C PHE A 64 17.40 -20.32 -6.81
N GLN A 65 18.63 -20.71 -7.12
CA GLN A 65 18.85 -21.83 -8.03
C GLN A 65 18.31 -23.13 -7.43
N GLY A 66 17.68 -23.94 -8.27
CA GLY A 66 17.12 -25.20 -7.86
C GLY A 66 15.64 -25.14 -7.51
N ARG A 67 15.13 -23.97 -7.14
CA ARG A 67 13.72 -23.82 -6.81
C ARG A 67 12.94 -22.99 -7.82
N VAL A 68 13.63 -22.22 -8.66
CA VAL A 68 13.01 -21.24 -9.54
C VAL A 68 13.20 -21.68 -10.99
N THR A 69 12.17 -21.47 -11.81
CA THR A 69 12.24 -21.72 -13.25
C THR A 69 11.55 -20.57 -13.97
N ILE A 70 12.27 -19.91 -14.88
CA ILE A 70 11.76 -18.77 -15.63
C ILE A 70 11.63 -19.18 -17.09
N THR A 71 10.45 -18.95 -17.67
CA THR A 71 10.20 -19.29 -19.06
C THR A 71 9.44 -18.15 -19.71
N ALA A 72 9.26 -18.24 -21.04
CA ALA A 72 8.55 -17.19 -21.77
C ALA A 72 7.91 -17.80 -23.00
N ASP A 73 6.76 -17.24 -23.39
CA ASP A 73 5.94 -17.74 -24.49
C ASP A 73 5.69 -16.57 -25.43
N THR A 74 6.51 -16.47 -26.48
CA THR A 74 6.40 -15.34 -27.40
C THR A 74 5.04 -15.31 -28.08
N SER A 75 4.46 -16.47 -28.38
CA SER A 75 3.16 -16.47 -29.06
C SER A 75 2.11 -15.71 -28.27
N THR A 76 2.19 -15.72 -26.94
CA THR A 76 1.27 -14.97 -26.10
C THR A 76 1.95 -13.81 -25.37
N THR A 77 3.19 -13.48 -25.72
CA THR A 77 3.95 -12.39 -25.11
C THR A 77 3.80 -12.41 -23.59
N THR A 78 4.12 -13.57 -23.02
CA THR A 78 3.87 -13.81 -21.61
C THR A 78 5.08 -14.48 -21.00
N ALA A 79 5.55 -13.94 -19.88
CA ALA A 79 6.65 -14.53 -19.12
C ALA A 79 6.11 -15.18 -17.86
N TYR A 80 6.81 -16.22 -17.41
CA TYR A 80 6.39 -17.06 -16.31
C TYR A 80 7.54 -17.26 -15.32
N MET A 81 7.19 -17.38 -14.05
CA MET A 81 8.15 -17.73 -13.00
C MET A 81 7.52 -18.79 -12.13
N GLU A 82 8.15 -19.95 -12.02
CA GLU A 82 7.65 -21.04 -11.21
C GLU A 82 8.59 -21.23 -10.02
N LEU A 83 8.03 -21.17 -8.82
CA LEU A 83 8.79 -21.30 -7.59
C LEU A 83 8.23 -22.50 -6.83
N SER A 84 9.08 -23.47 -6.52
CA SER A 84 8.66 -24.72 -5.92
C SER A 84 9.16 -24.82 -4.48
N SER A 85 8.67 -25.84 -3.79
CA SER A 85 9.09 -26.11 -2.42
C SER A 85 8.95 -24.84 -1.57
N LEU A 86 7.77 -24.22 -1.69
CA LEU A 86 7.51 -22.94 -1.05
C LEU A 86 7.65 -23.05 0.46
N ARG A 87 8.20 -22.00 1.07
CA ARG A 87 8.39 -21.91 2.49
C ARG A 87 7.85 -20.56 2.98
N SER A 88 7.71 -20.43 4.29
CA SER A 88 7.11 -19.22 4.86
C SER A 88 7.82 -17.96 4.37
N GLU A 89 9.16 -17.98 4.35
CA GLU A 89 9.91 -16.79 3.94
C GLU A 89 9.77 -16.47 2.46
N ASP A 90 9.03 -17.26 1.68
CA ASP A 90 8.69 -16.90 0.31
C ASP A 90 7.50 -15.94 0.25
N THR A 91 6.90 -15.61 1.38
CA THR A 91 5.82 -14.64 1.41
C THR A 91 6.36 -13.28 0.96
N ALA A 92 5.78 -12.73 -0.11
CA ALA A 92 6.32 -11.53 -0.71
C ALA A 92 5.45 -11.10 -1.90
N VAL A 93 5.72 -9.89 -2.37
CA VAL A 93 5.19 -9.41 -3.64
C VAL A 93 6.24 -9.70 -4.72
N TYR A 94 5.80 -10.36 -5.78
CA TYR A 94 6.69 -10.79 -6.87
C TYR A 94 6.41 -9.90 -8.08
N TYR A 95 7.42 -9.15 -8.49
CA TYR A 95 7.32 -8.21 -9.62
C TYR A 95 7.97 -8.83 -10.84
N CYS A 96 7.36 -8.61 -12.01
CA CYS A 96 8.09 -8.69 -13.25
C CYS A 96 8.38 -7.27 -13.72
N ALA A 97 9.51 -7.12 -14.39
CA ALA A 97 9.98 -5.81 -14.81
C ALA A 97 10.72 -5.99 -16.11
N ARG A 98 10.65 -4.96 -16.95
CA ARG A 98 11.24 -5.00 -18.27
C ARG A 98 12.59 -4.28 -18.25
N GLY A 99 13.58 -4.89 -18.91
CA GLY A 99 14.81 -4.21 -19.23
C GLY A 99 14.72 -3.57 -20.61
N TYR A 120 19.25 -2.05 -16.07
CA TYR A 120 18.24 -1.45 -15.19
C TYR A 120 16.84 -1.93 -15.59
N LEU A 121 15.81 -1.50 -14.86
CA LEU A 121 14.44 -1.97 -15.05
C LEU A 121 13.48 -0.80 -15.22
N ASP A 122 13.19 -0.43 -16.46
CA ASP A 122 12.05 0.44 -16.73
C ASP A 122 10.79 -0.42 -16.80
N ILE A 123 9.66 0.15 -16.40
CA ILE A 123 8.40 -0.58 -16.47
C ILE A 123 8.42 -1.82 -15.58
N TRP A 124 7.70 -1.75 -14.47
CA TRP A 124 7.47 -2.88 -13.61
C TRP A 124 5.99 -3.22 -13.68
N GLY A 125 5.68 -4.50 -13.50
CA GLY A 125 4.32 -4.87 -13.27
C GLY A 125 3.86 -4.39 -11.91
N PRO A 126 2.59 -4.63 -11.59
CA PRO A 126 2.06 -4.20 -10.29
C PRO A 126 2.35 -5.16 -9.16
N GLY A 127 2.97 -6.31 -9.44
CA GLY A 127 3.34 -7.28 -8.42
C GLY A 127 2.22 -8.27 -8.14
N THR A 128 2.63 -9.49 -7.80
CA THR A 128 1.71 -10.56 -7.39
C THR A 128 1.99 -10.88 -5.92
N PRO A 129 1.12 -10.52 -4.99
CA PRO A 129 1.36 -10.91 -3.59
C PRO A 129 1.10 -12.40 -3.41
N ILE A 130 2.09 -13.10 -2.84
CA ILE A 130 1.99 -14.51 -2.55
C ILE A 130 2.18 -14.66 -1.04
N THR A 131 1.22 -15.29 -0.38
CA THR A 131 1.30 -15.57 1.04
C THR A 131 1.44 -17.08 1.19
N ILE A 132 2.44 -17.52 1.96
CA ILE A 132 2.65 -18.94 2.24
C ILE A 132 2.06 -19.23 3.60
N SER A 133 1.06 -20.11 3.64
CA SER A 133 0.29 -20.32 4.85
C SER A 133 -0.54 -21.58 4.70
N SER A 134 -0.78 -22.23 5.84
CA SER A 134 -1.70 -23.36 5.89
C SER A 134 -3.16 -22.93 6.01
N ALA A 135 -3.44 -21.67 6.35
CA ALA A 135 -4.81 -21.25 6.57
C ALA A 135 -5.56 -21.14 5.25
N SER A 136 -6.87 -21.31 5.31
CA SER A 136 -7.64 -21.29 4.08
C SER A 136 -7.99 -19.85 3.69
N THR A 137 -8.12 -19.66 2.38
CA THR A 137 -8.57 -18.38 1.88
C THR A 137 -9.98 -18.10 2.36
N LYS A 138 -10.25 -16.83 2.69
CA LYS A 138 -11.58 -16.40 3.07
C LYS A 138 -11.82 -15.03 2.45
N GLY A 139 -12.91 -14.92 1.69
CA GLY A 139 -13.32 -13.64 1.13
C GLY A 139 -13.97 -12.74 2.15
N PRO A 140 -13.92 -11.42 1.91
CA PRO A 140 -14.39 -10.46 2.90
C PRO A 140 -15.91 -10.33 2.93
N SER A 141 -16.39 -9.91 4.09
CA SER A 141 -17.70 -9.28 4.22
C SER A 141 -17.56 -7.78 4.11
N VAL A 142 -18.48 -7.12 3.39
CA VAL A 142 -18.38 -5.70 3.13
C VAL A 142 -19.61 -5.01 3.73
N PHE A 143 -19.36 -4.00 4.55
CA PHE A 143 -20.42 -3.27 5.21
C PHE A 143 -20.31 -1.78 4.92
N PRO A 144 -21.43 -1.08 4.82
CA PRO A 144 -21.35 0.38 4.59
C PRO A 144 -20.96 1.14 5.84
N LEU A 145 -20.13 2.17 5.65
CA LEU A 145 -19.93 3.23 6.64
C LEU A 145 -20.77 4.40 6.13
N ALA A 146 -22.02 4.44 6.56
CA ALA A 146 -23.00 5.33 5.94
C ALA A 146 -22.81 6.75 6.44
N PRO A 147 -22.91 7.76 5.57
CA PRO A 147 -22.82 9.14 6.07
C PRO A 147 -24.06 9.49 6.87
N SER A 148 -23.83 10.17 7.99
CA SER A 148 -24.90 10.72 8.81
C SER A 148 -24.43 12.06 9.37
N SER A 149 -25.25 12.65 10.24
CA SER A 149 -24.78 13.83 10.97
C SER A 149 -23.54 13.52 11.81
N LYS A 150 -23.36 12.26 12.24
CA LYS A 150 -22.19 11.88 13.03
C LYS A 150 -20.92 11.83 12.20
N SER A 151 -21.03 11.75 10.88
CA SER A 151 -19.85 11.77 10.01
C SER A 151 -19.85 13.01 9.11
N THR A 152 -20.23 14.15 9.67
CA THR A 152 -20.00 15.45 9.03
C THR A 152 -19.04 16.29 9.85
N SER A 153 -18.24 17.08 9.13
CA SER A 153 -17.38 18.08 9.73
C SER A 153 -17.49 19.30 8.84
N GLY A 154 -18.01 20.38 9.40
CA GLY A 154 -18.34 21.51 8.56
C GLY A 154 -19.35 21.03 7.52
N GLY A 155 -19.11 21.44 6.28
CA GLY A 155 -19.85 21.07 5.09
C GLY A 155 -19.38 19.79 4.43
N THR A 156 -18.47 19.07 5.06
CA THR A 156 -17.90 17.84 4.51
C THR A 156 -18.53 16.63 5.19
N ALA A 157 -18.86 15.61 4.39
CA ALA A 157 -19.30 14.32 4.89
C ALA A 157 -18.29 13.23 4.56
N ALA A 158 -18.10 12.31 5.49
CA ALA A 158 -17.32 11.12 5.26
C ALA A 158 -18.23 9.91 5.14
N LEU A 159 -17.83 8.98 4.30
CA LEU A 159 -18.52 7.73 4.10
C LEU A 159 -17.47 6.71 3.69
N GLY A 160 -17.85 5.44 3.71
CA GLY A 160 -16.86 4.43 3.41
C GLY A 160 -17.46 3.05 3.41
N CYS A 161 -16.55 2.07 3.27
CA CYS A 161 -16.87 0.65 3.33
C CYS A 161 -15.91 -0.03 4.29
N LEU A 162 -16.47 -0.83 5.20
CA LEU A 162 -15.69 -1.72 6.05
C LEU A 162 -15.57 -3.08 5.40
N VAL A 163 -14.35 -3.56 5.27
CA VAL A 163 -14.05 -4.79 4.57
C VAL A 163 -13.43 -5.69 5.63
N LYS A 164 -14.21 -6.64 6.14
CA LYS A 164 -13.85 -7.36 7.35
C LYS A 164 -13.70 -8.86 7.08
N ASP A 165 -12.77 -9.47 7.82
CA ASP A 165 -12.64 -10.91 7.93
C ASP A 165 -12.22 -11.60 6.64
N TYR A 166 -11.07 -11.22 6.06
CA TYR A 166 -10.56 -11.89 4.88
C TYR A 166 -9.14 -12.39 5.09
N PHE A 167 -8.73 -13.32 4.22
CA PHE A 167 -7.41 -13.89 4.27
C PHE A 167 -7.11 -14.53 2.92
N PRO A 168 -5.89 -14.37 2.36
CA PRO A 168 -4.80 -13.49 2.84
C PRO A 168 -4.99 -12.05 2.33
N GLU A 169 -4.02 -11.21 2.57
CA GLU A 169 -3.96 -9.92 1.91
C GLU A 169 -3.63 -10.13 0.43
N PRO A 170 -3.93 -9.15 -0.43
CA PRO A 170 -4.60 -7.89 -0.20
C PRO A 170 -6.04 -7.87 -0.67
N VAL A 171 -6.84 -6.96 -0.12
CA VAL A 171 -8.06 -6.46 -0.73
C VAL A 171 -7.73 -5.16 -1.45
N THR A 172 -8.28 -4.97 -2.64
CA THR A 172 -8.24 -3.65 -3.26
C THR A 172 -9.65 -3.08 -3.32
N VAL A 173 -9.72 -1.77 -3.19
CA VAL A 173 -10.97 -1.03 -3.14
C VAL A 173 -10.88 0.09 -4.16
N SER A 174 -11.88 0.21 -4.98
CA SER A 174 -12.10 1.39 -5.80
C SER A 174 -13.48 1.91 -5.49
N TRP A 175 -13.74 3.12 -5.95
CA TRP A 175 -15.03 3.76 -5.77
C TRP A 175 -15.59 4.15 -7.12
N ASN A 176 -16.86 3.82 -7.33
CA ASN A 176 -17.57 4.15 -8.57
C ASN A 176 -16.77 3.67 -9.78
N SER A 177 -16.26 2.44 -9.66
CA SER A 177 -15.56 1.74 -10.74
C SER A 177 -14.29 2.47 -11.16
N GLY A 178 -13.68 3.19 -10.24
CA GLY A 178 -12.46 3.91 -10.51
C GLY A 178 -12.66 5.37 -10.83
N ALA A 179 -13.89 5.83 -11.00
CA ALA A 179 -14.13 7.22 -11.36
C ALA A 179 -14.00 8.16 -10.16
N LEU A 180 -14.06 7.64 -8.94
CA LEU A 180 -13.94 8.44 -7.73
C LEU A 180 -12.60 8.10 -7.09
N THR A 181 -11.69 9.07 -7.07
CA THR A 181 -10.38 8.85 -6.47
C THR A 181 -9.97 9.95 -5.49
N SER A 182 -10.43 11.18 -5.71
CA SER A 182 -10.04 12.30 -4.88
C SER A 182 -10.59 12.10 -3.47
N GLY A 183 -9.75 12.31 -2.47
CA GLY A 183 -10.17 12.19 -1.07
C GLY A 183 -10.38 10.79 -0.57
N VAL A 184 -10.00 9.77 -1.34
CA VAL A 184 -10.15 8.38 -0.89
C VAL A 184 -8.94 8.00 -0.05
N HIS A 185 -9.19 7.36 1.08
CA HIS A 185 -8.15 6.75 1.91
C HIS A 185 -8.53 5.30 2.14
N THR A 186 -7.75 4.38 1.60
CA THR A 186 -7.91 2.95 1.90
C THR A 186 -6.82 2.62 2.92
N PHE A 187 -7.23 2.32 4.14
CA PHE A 187 -6.27 2.13 5.21
C PHE A 187 -5.51 0.81 5.06
N PRO A 188 -4.26 0.78 5.52
CA PRO A 188 -3.57 -0.51 5.70
C PRO A 188 -4.39 -1.42 6.58
N ALA A 189 -4.41 -2.68 6.21
CA ALA A 189 -5.18 -3.67 6.96
C ALA A 189 -4.64 -3.84 8.37
N VAL A 190 -5.51 -4.21 9.27
CA VAL A 190 -5.14 -4.66 10.60
C VAL A 190 -5.32 -6.17 10.64
N LEU A 191 -4.57 -6.80 11.53
CA LEU A 191 -4.66 -8.22 11.80
C LEU A 191 -5.52 -8.43 13.01
N GLN A 192 -6.65 -9.10 12.84
CA GLN A 192 -7.56 -9.31 13.95
C GLN A 192 -7.09 -10.49 14.78
N SER A 193 -7.59 -10.56 16.02
CA SER A 193 -7.15 -11.63 16.91
C SER A 193 -7.44 -13.00 16.30
N SER A 194 -8.48 -13.09 15.48
CA SER A 194 -8.83 -14.32 14.78
C SER A 194 -7.82 -14.72 13.71
N GLY A 195 -6.86 -13.85 13.37
CA GLY A 195 -5.96 -14.11 12.28
C GLY A 195 -6.48 -13.71 10.91
N LEU A 196 -7.68 -13.15 10.84
CA LEU A 196 -8.21 -12.55 9.63
C LEU A 196 -7.89 -11.06 9.56
N TYR A 197 -7.94 -10.53 8.36
CA TYR A 197 -7.62 -9.13 8.13
C TYR A 197 -8.89 -8.30 8.01
N SER A 198 -8.76 -7.00 8.30
CA SER A 198 -9.85 -6.05 8.16
C SER A 198 -9.27 -4.70 7.75
N LEU A 199 -10.00 -3.99 6.90
CA LEU A 199 -9.63 -2.61 6.58
C LEU A 199 -10.88 -1.81 6.28
N SER A 200 -10.71 -0.49 6.23
CA SER A 200 -11.75 0.42 5.79
C SER A 200 -11.23 1.24 4.62
N SER A 201 -12.16 1.63 3.76
CA SER A 201 -11.90 2.60 2.71
C SER A 201 -12.90 3.73 2.89
N VAL A 202 -12.40 4.95 2.99
CA VAL A 202 -13.24 6.12 3.26
C VAL A 202 -12.97 7.21 2.24
N VAL A 203 -13.93 8.13 2.13
CA VAL A 203 -13.83 9.27 1.25
C VAL A 203 -14.63 10.42 1.87
N THR A 204 -14.22 11.63 1.57
CA THR A 204 -14.88 12.83 2.05
C THR A 204 -15.52 13.50 0.85
N VAL A 205 -16.79 13.89 0.98
CA VAL A 205 -17.56 14.45 -0.12
C VAL A 205 -18.34 15.64 0.40
N PRO A 206 -18.92 16.48 -0.45
CA PRO A 206 -19.82 17.53 0.05
C PRO A 206 -21.01 16.91 0.78
N SER A 207 -21.32 17.45 1.95
CA SER A 207 -22.51 16.96 2.65
C SER A 207 -23.79 17.40 1.92
N SER A 208 -23.73 18.47 1.14
CA SER A 208 -24.93 19.04 0.51
C SER A 208 -25.52 18.16 -0.58
N SER A 209 -24.73 17.26 -1.16
CA SER A 209 -25.16 16.50 -2.33
C SER A 209 -25.26 15.00 -2.04
N LEU A 210 -25.35 14.62 -0.77
CA LEU A 210 -25.57 13.22 -0.47
C LEU A 210 -26.87 12.70 -1.08
N GLY A 211 -27.83 13.58 -1.32
CA GLY A 211 -29.10 13.14 -1.91
C GLY A 211 -29.08 12.90 -3.40
N THR A 212 -28.11 13.46 -4.12
CA THR A 212 -28.08 13.35 -5.58
C THR A 212 -26.91 12.54 -6.12
N GLN A 213 -25.85 12.38 -5.35
CA GLN A 213 -24.70 11.63 -5.83
C GLN A 213 -24.80 10.17 -5.38
N THR A 214 -24.15 9.30 -6.13
CA THR A 214 -24.13 7.88 -5.82
C THR A 214 -22.69 7.47 -5.54
N TYR A 215 -22.51 6.67 -4.49
CA TYR A 215 -21.20 6.26 -4.02
C TYR A 215 -21.21 4.76 -3.79
N ILE A 216 -20.41 4.05 -4.56
CA ILE A 216 -20.35 2.59 -4.54
C ILE A 216 -18.91 2.20 -4.34
N CYS A 217 -18.66 1.35 -3.36
CA CYS A 217 -17.33 0.81 -3.19
C CYS A 217 -17.28 -0.55 -3.87
N ASN A 218 -16.23 -0.76 -4.66
CA ASN A 218 -15.95 -1.97 -5.43
C ASN A 218 -14.78 -2.66 -4.73
N VAL A 219 -15.03 -3.83 -4.17
CA VAL A 219 -14.04 -4.56 -3.37
C VAL A 219 -13.64 -5.82 -4.12
N ASN A 220 -12.35 -6.01 -4.30
CA ASN A 220 -11.82 -7.19 -4.98
C ASN A 220 -10.85 -7.88 -4.05
N HIS A 221 -11.09 -9.17 -3.82
CA HIS A 221 -10.16 -10.00 -3.06
C HIS A 221 -9.73 -11.11 -4.02
N LYS A 222 -8.64 -10.88 -4.75
CA LYS A 222 -8.25 -11.81 -5.81
C LYS A 222 -7.91 -13.20 -5.29
N PRO A 223 -7.32 -13.38 -4.10
CA PRO A 223 -7.00 -14.74 -3.64
C PRO A 223 -8.22 -15.65 -3.59
N SER A 224 -9.41 -15.08 -3.39
CA SER A 224 -10.65 -15.84 -3.39
C SER A 224 -11.52 -15.55 -4.60
N ASN A 225 -11.02 -14.74 -5.55
CA ASN A 225 -11.80 -14.29 -6.70
C ASN A 225 -13.12 -13.65 -6.28
N THR A 226 -13.14 -13.00 -5.11
CA THR A 226 -14.36 -12.38 -4.61
C THR A 226 -14.42 -10.94 -5.13
N LYS A 227 -15.59 -10.56 -5.64
CA LYS A 227 -15.86 -9.20 -6.10
C LYS A 227 -17.18 -8.77 -5.52
N VAL A 228 -17.19 -7.63 -4.82
CA VAL A 228 -18.38 -7.11 -4.18
C VAL A 228 -18.49 -5.62 -4.48
N ASP A 229 -19.69 -5.18 -4.83
CA ASP A 229 -20.03 -3.76 -4.96
C ASP A 229 -21.10 -3.46 -3.92
N LYS A 230 -20.89 -2.41 -3.13
CA LYS A 230 -21.80 -2.00 -2.08
C LYS A 230 -22.12 -0.53 -2.28
N LYS A 231 -23.38 -0.22 -2.51
CA LYS A 231 -23.82 1.16 -2.57
C LYS A 231 -23.96 1.68 -1.15
N VAL A 232 -23.36 2.84 -0.88
CA VAL A 232 -23.35 3.40 0.47
C VAL A 232 -24.40 4.50 0.53
N GLU A 233 -25.49 4.24 1.27
CA GLU A 233 -26.62 5.16 1.31
C GLU A 233 -26.59 6.00 2.58
N PRO A 234 -26.99 7.28 2.51
CA PRO A 234 -27.00 8.10 3.73
C PRO A 234 -28.00 7.55 4.74
N LYS A 235 -27.66 7.68 6.01
CA LYS A 235 -28.57 7.38 7.10
C LYS A 235 -29.07 8.69 7.71
N SER A 236 -30.30 8.65 8.21
CA SER A 236 -30.90 9.81 8.87
C SER A 236 -31.07 9.56 10.36
N ILE B 2 27.56 -8.11 -4.82
CA ILE B 2 27.95 -6.77 -4.39
C ILE B 2 26.92 -6.20 -3.42
N GLN B 3 27.41 -5.47 -2.42
CA GLN B 3 26.60 -4.93 -1.34
C GLN B 3 26.32 -3.45 -1.59
N MET B 4 25.04 -3.08 -1.56
CA MET B 4 24.62 -1.70 -1.71
C MET B 4 24.13 -1.17 -0.36
N THR B 5 24.71 -0.06 0.10
CA THR B 5 24.44 0.53 1.41
C THR B 5 23.93 1.97 1.25
N GLN B 6 22.66 2.22 1.58
CA GLN B 6 22.08 3.55 1.50
C GLN B 6 22.03 4.24 2.86
N SER B 7 22.12 5.56 2.83
CA SER B 7 22.02 6.38 4.03
C SER B 7 21.40 7.72 3.65
N PRO B 8 20.64 8.33 4.56
CA PRO B 8 20.23 7.77 5.84
C PRO B 8 19.15 6.72 5.55
N SER B 9 18.71 5.97 6.56
CA SER B 9 17.58 5.08 6.37
C SER B 9 16.29 5.87 6.15
N SER B 10 16.16 7.03 6.78
CA SER B 10 15.01 7.91 6.57
C SER B 10 15.40 9.33 6.89
N LEU B 11 14.68 10.28 6.31
CA LEU B 11 14.91 11.68 6.61
C LEU B 11 13.60 12.43 6.47
N SER B 12 13.54 13.60 7.11
CA SER B 12 12.40 14.48 7.07
C SER B 12 12.87 15.84 6.59
N ALA B 13 12.16 16.41 5.61
CA ALA B 13 12.50 17.72 5.08
C ALA B 13 11.22 18.49 4.76
N SER B 14 11.36 19.80 4.62
CA SER B 14 10.24 20.65 4.26
C SER B 14 10.10 20.77 2.75
N VAL B 15 8.89 21.11 2.31
CA VAL B 15 8.68 21.38 0.89
C VAL B 15 9.59 22.52 0.49
N GLY B 16 10.29 22.34 -0.63
CA GLY B 16 11.28 23.30 -1.09
C GLY B 16 12.70 23.01 -0.63
N ASP B 17 12.88 22.20 0.41
CA ASP B 17 14.21 21.82 0.84
C ASP B 17 14.93 20.99 -0.22
N ARG B 18 16.26 21.01 -0.13
CA ARG B 18 17.10 20.17 -0.96
C ARG B 18 17.44 18.88 -0.20
N VAL B 19 17.19 17.75 -0.83
CA VAL B 19 17.36 16.45 -0.20
C VAL B 19 18.53 15.72 -0.84
N THR B 20 19.36 15.12 0.00
CA THR B 20 20.54 14.38 -0.43
C THR B 20 20.49 12.97 0.13
N ILE B 21 20.53 11.98 -0.75
CA ILE B 21 20.57 10.58 -0.38
C ILE B 21 21.80 9.95 -1.01
N THR B 22 22.45 9.05 -0.29
CA THR B 22 23.71 8.47 -0.71
C THR B 22 23.61 6.95 -0.82
N CYS B 23 24.37 6.41 -1.77
CA CYS B 23 24.44 4.97 -2.00
C CYS B 23 25.91 4.60 -2.12
N ARG B 24 26.33 3.61 -1.34
CA ARG B 24 27.73 3.18 -1.29
C ARG B 24 27.81 1.74 -1.74
N ALA B 25 28.59 1.49 -2.77
CA ALA B 25 28.79 0.14 -3.29
C ALA B 25 30.08 -0.43 -2.70
N SER B 26 30.01 -1.70 -2.29
CA SER B 26 31.17 -2.35 -1.67
C SER B 26 32.34 -2.55 -2.63
N GLU B 27 32.11 -2.41 -3.94
CA GLU B 27 33.19 -2.45 -4.92
C GLU B 27 32.81 -1.57 -6.09
N ASN B 28 33.80 -1.22 -6.91
CA ASN B 28 33.56 -0.32 -8.03
C ASN B 28 32.49 -0.89 -8.96
N VAL B 29 31.56 -0.02 -9.37
CA VAL B 29 30.52 -0.39 -10.31
C VAL B 29 30.49 0.60 -11.47
N ASN B 30 31.55 1.38 -11.62
CA ASN B 30 31.61 2.42 -12.63
C ASN B 30 30.38 3.31 -12.56
N ASN B 31 29.60 3.36 -13.63
CA ASN B 31 28.34 4.11 -13.68
C ASN B 31 27.12 3.20 -13.76
N CYS B 32 27.27 1.91 -13.45
CA CYS B 32 26.15 0.97 -13.49
C CYS B 32 25.39 1.02 -12.17
N LEU B 33 24.68 2.13 -11.98
CA LEU B 33 24.01 2.45 -10.72
C LEU B 33 22.74 3.21 -11.08
N HIS B 34 21.60 2.69 -10.65
CA HIS B 34 20.30 3.20 -11.03
C HIS B 34 19.48 3.49 -9.78
N TRP B 35 18.55 4.44 -9.89
CA TRP B 35 17.74 4.92 -8.76
C TRP B 35 16.26 4.74 -9.05
N TYR B 36 15.52 4.27 -8.04
CA TYR B 36 14.10 4.03 -8.14
C TYR B 36 13.36 4.71 -7.00
N GLN B 37 12.11 5.06 -7.29
CA GLN B 37 11.18 5.61 -6.31
C GLN B 37 10.06 4.61 -6.11
N GLN B 38 9.68 4.36 -4.86
CA GLN B 38 8.55 3.48 -4.58
C GLN B 38 7.64 4.07 -3.50
N LYS B 39 6.37 4.11 -3.78
CA LYS B 39 5.35 4.51 -2.82
C LYS B 39 4.59 3.31 -2.27
N PRO B 40 4.06 3.40 -1.05
CA PRO B 40 3.43 2.23 -0.44
C PRO B 40 2.35 1.65 -1.34
N GLY B 41 2.38 0.33 -1.51
CA GLY B 41 1.41 -0.34 -2.34
C GLY B 41 1.61 -0.22 -3.84
N LYS B 42 2.70 0.37 -4.30
CA LYS B 42 2.89 0.57 -5.72
C LYS B 42 4.22 -0.04 -6.15
N ALA B 43 4.33 -0.29 -7.46
CA ALA B 43 5.56 -0.78 -8.05
C ALA B 43 6.64 0.30 -8.03
N PRO B 44 7.92 -0.11 -7.98
CA PRO B 44 9.01 0.85 -8.17
C PRO B 44 8.92 1.52 -9.54
N LYS B 45 9.39 2.76 -9.59
CA LYS B 45 9.47 3.56 -10.81
C LYS B 45 10.90 4.01 -11.02
N LEU B 46 11.45 3.73 -12.20
CA LEU B 46 12.81 4.15 -12.49
C LEU B 46 12.89 5.68 -12.60
N LEU B 47 13.86 6.27 -11.90
CA LEU B 47 14.07 7.71 -11.92
C LEU B 47 15.29 8.10 -12.76
N ILE B 48 16.41 7.44 -12.49
CA ILE B 48 17.71 7.79 -13.03
C ILE B 48 18.43 6.49 -13.30
N TYR B 49 19.01 6.37 -14.49
CA TYR B 49 19.82 5.22 -14.85
C TYR B 49 21.17 5.72 -15.34
N ALA B 50 22.16 4.82 -15.29
CA ALA B 50 23.54 5.14 -15.67
C ALA B 50 24.13 6.22 -14.75
N ALA B 51 23.62 6.26 -13.52
CA ALA B 51 24.08 7.10 -12.43
C ALA B 51 23.75 8.58 -12.60
N PHE B 52 23.46 9.03 -13.82
CA PHE B 52 23.07 10.42 -13.97
C PHE B 52 22.03 10.69 -15.06
N THR B 53 21.60 9.68 -15.83
CA THR B 53 20.68 9.93 -16.93
C THR B 53 19.24 9.96 -16.41
N LEU B 54 18.53 11.05 -16.66
CA LEU B 54 17.15 11.19 -16.20
C LEU B 54 16.22 10.41 -17.12
N GLN B 55 15.37 9.59 -16.53
CA GLN B 55 14.35 8.87 -17.27
C GLN B 55 13.30 9.84 -17.79
N ASN B 56 12.85 9.61 -19.03
CA ASN B 56 11.89 10.51 -19.66
C ASN B 56 10.65 10.68 -18.80
N GLY B 57 10.22 11.92 -18.60
CA GLY B 57 9.08 12.24 -17.78
C GLY B 57 9.41 12.55 -16.33
N VAL B 58 10.59 12.15 -15.86
CA VAL B 58 10.98 12.46 -14.49
C VAL B 58 11.33 13.94 -14.39
N PRO B 59 10.87 14.67 -13.38
CA PRO B 59 11.18 16.09 -13.29
C PRO B 59 12.67 16.33 -13.05
N SER B 60 13.15 17.47 -13.53
CA SER B 60 14.58 17.75 -13.49
C SER B 60 15.10 17.99 -12.08
N ARG B 61 14.21 18.15 -11.08
CA ARG B 61 14.69 18.34 -9.71
C ARG B 61 15.38 17.08 -9.17
N PHE B 62 15.19 15.94 -9.80
CA PHE B 62 15.96 14.74 -9.49
C PHE B 62 17.24 14.74 -10.30
N SER B 63 18.37 14.60 -9.63
CA SER B 63 19.63 14.46 -10.32
C SER B 63 20.54 13.53 -9.51
N GLY B 64 21.31 12.74 -10.24
CA GLY B 64 22.25 11.82 -9.64
C GLY B 64 23.66 12.15 -10.06
N SER B 65 24.60 11.83 -9.17
CA SER B 65 26.01 12.07 -9.39
C SER B 65 26.77 10.95 -8.71
N GLY B 66 28.07 10.94 -8.89
CA GLY B 66 28.92 9.91 -8.33
C GLY B 66 29.42 8.96 -9.41
N SER B 67 30.51 8.28 -9.08
CA SER B 67 31.11 7.28 -9.95
C SER B 67 31.93 6.35 -9.09
N GLY B 68 32.02 5.09 -9.52
CA GLY B 68 32.81 4.13 -8.79
C GLY B 68 32.03 3.44 -7.69
N THR B 69 32.21 3.90 -6.46
CA THR B 69 31.54 3.33 -5.29
C THR B 69 30.62 4.31 -4.55
N ASP B 70 30.60 5.59 -4.90
CA ASP B 70 29.93 6.61 -4.11
C ASP B 70 28.97 7.39 -4.99
N PHE B 71 27.68 7.29 -4.70
CA PHE B 71 26.65 7.87 -5.54
C PHE B 71 25.69 8.69 -4.68
N THR B 72 25.13 9.73 -5.29
CA THR B 72 24.23 10.65 -4.62
C THR B 72 23.01 10.86 -5.50
N LEU B 73 21.83 10.73 -4.90
CA LEU B 73 20.59 11.23 -5.49
C LEU B 73 20.23 12.53 -4.80
N THR B 74 19.97 13.56 -5.58
CA THR B 74 19.60 14.86 -5.05
C THR B 74 18.22 15.23 -5.54
N ILE B 75 17.41 15.76 -4.62
CA ILE B 75 16.18 16.45 -4.96
C ILE B 75 16.39 17.91 -4.60
N THR B 76 16.37 18.78 -5.61
CA THR B 76 16.77 20.17 -5.41
C THR B 76 15.69 20.99 -4.72
N SER B 77 14.42 20.63 -4.91
CA SER B 77 13.32 21.37 -4.29
C SER B 77 12.22 20.35 -3.98
N LEU B 78 12.20 19.85 -2.75
CA LEU B 78 11.32 18.76 -2.38
C LEU B 78 9.86 19.13 -2.57
N GLN B 79 9.15 18.32 -3.34
CA GLN B 79 7.71 18.50 -3.54
C GLN B 79 6.92 17.45 -2.76
N PRO B 80 5.67 17.75 -2.41
CA PRO B 80 4.88 16.78 -1.62
C PRO B 80 4.76 15.40 -2.26
N GLU B 81 4.67 15.31 -3.59
CA GLU B 81 4.57 14.03 -4.28
C GLU B 81 5.88 13.25 -4.32
N ASP B 82 6.96 13.76 -3.76
CA ASP B 82 8.21 13.02 -3.68
C ASP B 82 8.30 12.15 -2.43
N VAL B 83 7.31 12.22 -1.54
CA VAL B 83 7.29 11.34 -0.37
C VAL B 83 7.26 9.91 -0.88
N ALA B 84 8.26 9.12 -0.49
CA ALA B 84 8.45 7.79 -1.02
C ALA B 84 9.70 7.20 -0.43
N THR B 85 9.98 5.94 -0.76
CA THR B 85 11.24 5.31 -0.44
C THR B 85 12.04 5.20 -1.74
N TYR B 86 13.31 5.57 -1.68
CA TYR B 86 14.19 5.59 -2.84
C TYR B 86 15.21 4.47 -2.71
N TYR B 87 15.41 3.75 -3.81
CA TYR B 87 16.29 2.59 -3.85
C TYR B 87 17.35 2.80 -4.92
N CYS B 88 18.59 2.46 -4.59
CA CYS B 88 19.59 2.32 -5.63
C CYS B 88 19.73 0.85 -6.01
N GLN B 89 20.26 0.63 -7.21
CA GLN B 89 20.50 -0.71 -7.73
C GLN B 89 21.69 -0.66 -8.67
N HIS B 90 22.60 -1.62 -8.53
CA HIS B 90 23.75 -1.77 -9.41
C HIS B 90 23.47 -2.87 -10.42
N SER B 91 24.09 -2.75 -11.60
CA SER B 91 23.96 -3.73 -12.66
C SER B 91 25.33 -4.11 -13.24
N TYR B 92 26.40 -3.93 -12.46
CA TYR B 92 27.75 -4.32 -12.89
C TYR B 92 27.87 -5.82 -12.75
N GLY B 93 27.55 -6.53 -13.84
CA GLY B 93 27.56 -7.99 -13.80
C GLY B 93 26.32 -8.54 -13.13
N SER B 94 26.47 -9.62 -12.39
CA SER B 94 25.38 -10.26 -11.69
C SER B 94 25.87 -10.78 -10.36
N PRO B 95 24.96 -11.01 -9.41
CA PRO B 95 23.53 -10.70 -9.50
C PRO B 95 23.23 -9.22 -9.31
N LEU B 96 22.21 -8.67 -9.97
CA LEU B 96 21.73 -7.34 -9.64
C LEU B 96 21.32 -7.30 -8.17
N THR B 97 21.70 -6.25 -7.46
CA THR B 97 21.28 -6.10 -6.08
C THR B 97 20.88 -4.66 -5.80
N PHE B 98 20.00 -4.51 -4.82
CA PHE B 98 19.39 -3.24 -4.44
C PHE B 98 19.90 -2.80 -3.08
N GLY B 99 19.98 -1.49 -2.87
CA GLY B 99 20.14 -0.96 -1.53
C GLY B 99 18.91 -1.20 -0.67
N GLY B 100 19.03 -0.86 0.61
CA GLY B 100 17.96 -1.08 1.56
C GLY B 100 16.90 -0.01 1.59
N GLY B 101 17.12 1.09 0.88
CA GLY B 101 16.10 2.10 0.77
C GLY B 101 16.31 3.27 1.71
N THR B 102 15.92 4.45 1.25
CA THR B 102 15.86 5.66 2.06
C THR B 102 14.44 6.20 1.98
N LYS B 103 13.80 6.29 3.14
CA LYS B 103 12.45 6.83 3.23
C LYS B 103 12.51 8.35 3.38
N VAL B 104 11.87 9.07 2.46
CA VAL B 104 11.82 10.54 2.46
C VAL B 104 10.42 10.93 2.91
N GLU B 105 10.36 11.66 4.03
CA GLU B 105 9.12 12.14 4.63
C GLU B 105 9.12 13.67 4.66
N ILE B 106 7.94 14.25 4.74
CA ILE B 106 7.77 15.71 4.67
C ILE B 106 7.39 16.25 6.03
N LYS B 107 8.10 17.31 6.46
CA LYS B 107 7.71 18.17 7.56
C LYS B 107 6.83 19.28 6.98
N ARG B 108 5.70 19.55 7.64
CA ARG B 108 4.82 20.63 7.22
C ARG B 108 4.19 21.26 8.45
N THR B 109 3.34 22.26 8.22
CA THR B 109 2.64 22.90 9.32
C THR B 109 1.62 21.95 9.95
N VAL B 110 1.28 22.26 11.21
CA VAL B 110 0.29 21.50 11.94
C VAL B 110 -1.08 21.65 11.29
N ALA B 111 -1.80 20.53 11.17
CA ALA B 111 -3.17 20.51 10.69
C ALA B 111 -4.02 19.63 11.59
N ALA B 112 -5.09 20.19 12.13
CA ALA B 112 -5.96 19.43 13.01
C ALA B 112 -6.78 18.41 12.22
N PRO B 113 -7.06 17.25 12.81
CA PRO B 113 -7.94 16.28 12.12
C PRO B 113 -9.39 16.76 12.11
N SER B 114 -10.07 16.47 11.00
CA SER B 114 -11.53 16.36 11.03
C SER B 114 -11.89 14.97 11.58
N VAL B 115 -12.91 14.93 12.42
CA VAL B 115 -13.26 13.72 13.17
C VAL B 115 -14.67 13.29 12.80
N PHE B 116 -14.82 12.00 12.51
CA PHE B 116 -16.07 11.40 12.07
C PHE B 116 -16.27 10.09 12.83
N ILE B 117 -17.52 9.74 13.09
CA ILE B 117 -17.83 8.45 13.71
C ILE B 117 -18.97 7.77 12.95
N PHE B 118 -18.90 6.45 12.87
CA PHE B 118 -19.85 5.64 12.12
C PHE B 118 -20.44 4.57 13.02
N PRO B 119 -21.74 4.57 13.28
CA PRO B 119 -22.37 3.42 13.96
C PRO B 119 -22.32 2.17 13.10
N PRO B 120 -22.49 0.99 13.71
CA PRO B 120 -22.52 -0.25 12.93
C PRO B 120 -23.68 -0.25 11.95
N SER B 121 -23.45 -0.85 10.79
CA SER B 121 -24.53 -1.07 9.83
C SER B 121 -25.54 -2.08 10.36
N ASP B 122 -26.77 -1.97 9.89
CA ASP B 122 -27.78 -2.95 10.25
C ASP B 122 -27.39 -4.32 9.70
N GLU B 123 -26.81 -4.37 8.50
CA GLU B 123 -26.40 -5.65 7.93
C GLU B 123 -25.39 -6.37 8.84
N GLN B 124 -24.44 -5.63 9.39
CA GLN B 124 -23.47 -6.27 10.28
C GLN B 124 -24.10 -6.71 11.59
N LEU B 125 -25.01 -5.90 12.14
CA LEU B 125 -25.67 -6.31 13.38
C LEU B 125 -26.40 -7.64 13.21
N LYS B 126 -27.10 -7.82 12.08
CA LYS B 126 -27.79 -9.08 11.85
C LYS B 126 -26.83 -10.26 11.91
N SER B 127 -25.57 -10.03 11.61
CA SER B 127 -24.55 -11.07 11.67
C SER B 127 -24.03 -11.32 13.08
N GLY B 128 -24.40 -10.48 14.05
CA GLY B 128 -24.01 -10.67 15.44
C GLY B 128 -22.77 -9.93 15.89
N THR B 129 -22.27 -8.98 15.10
CA THR B 129 -21.10 -8.19 15.48
C THR B 129 -21.38 -6.73 15.19
N ALA B 130 -20.82 -5.86 16.04
CA ALA B 130 -20.97 -4.41 15.91
C ALA B 130 -19.58 -3.79 15.86
N SER B 131 -19.19 -3.25 14.71
CA SER B 131 -17.96 -2.49 14.55
C SER B 131 -18.32 -1.01 14.48
N VAL B 132 -17.68 -0.21 15.32
CA VAL B 132 -17.87 1.23 15.35
C VAL B 132 -16.56 1.87 14.89
N VAL B 133 -16.64 2.76 13.90
CA VAL B 133 -15.44 3.32 13.29
C VAL B 133 -15.37 4.81 13.58
N CYS B 134 -14.22 5.24 14.09
CA CYS B 134 -13.85 6.64 14.29
C CYS B 134 -12.76 7.00 13.29
N LEU B 135 -12.98 8.07 12.53
CA LEU B 135 -12.06 8.49 11.49
C LEU B 135 -11.47 9.86 11.82
N LEU B 136 -10.15 9.94 11.77
CA LEU B 136 -9.40 11.19 11.87
C LEU B 136 -8.81 11.44 10.49
N ASN B 137 -9.16 12.57 9.89
CA ASN B 137 -8.84 12.81 8.49
C ASN B 137 -7.89 14.00 8.33
N ASN B 138 -6.85 13.79 7.52
CA ASN B 138 -5.97 14.85 7.00
C ASN B 138 -5.35 15.69 8.09
N PHE B 139 -4.58 15.05 8.97
CA PHE B 139 -3.92 15.76 10.05
C PHE B 139 -2.41 15.62 9.96
N TYR B 140 -1.73 16.51 10.70
CA TYR B 140 -0.28 16.54 10.83
C TYR B 140 0.09 17.26 12.12
N PRO B 141 1.05 16.73 12.91
CA PRO B 141 1.87 15.54 12.70
C PRO B 141 1.10 14.25 12.97
N ARG B 142 1.80 13.15 12.78
CA ARG B 142 1.19 11.84 12.77
C ARG B 142 0.68 11.42 14.14
N GLU B 143 1.31 11.86 15.21
CA GLU B 143 0.89 11.44 16.55
C GLU B 143 -0.50 11.98 16.87
N ALA B 144 -1.37 11.09 17.35
CA ALA B 144 -2.73 11.45 17.72
C ALA B 144 -3.17 10.49 18.81
N LYS B 145 -4.05 10.96 19.69
CA LYS B 145 -4.57 10.12 20.76
C LYS B 145 -6.07 9.96 20.58
N VAL B 146 -6.53 8.72 20.52
CA VAL B 146 -7.94 8.40 20.29
C VAL B 146 -8.39 7.49 21.43
N GLN B 147 -9.39 7.93 22.18
CA GLN B 147 -9.94 7.15 23.27
C GLN B 147 -11.42 6.90 23.06
N TRP B 148 -11.84 5.66 23.29
CA TRP B 148 -13.22 5.27 23.22
C TRP B 148 -13.87 5.36 24.60
N LYS B 149 -15.09 5.88 24.64
CA LYS B 149 -15.91 5.87 25.85
C LYS B 149 -17.27 5.26 25.51
N VAL B 150 -17.72 4.32 26.34
CA VAL B 150 -19.03 3.70 26.22
C VAL B 150 -19.77 4.05 27.51
N ASP B 151 -20.91 4.72 27.38
CA ASP B 151 -21.66 5.21 28.53
C ASP B 151 -20.74 5.94 29.51
N ASN B 152 -19.90 6.80 28.95
CA ASN B 152 -18.93 7.63 29.65
C ASN B 152 -17.79 6.85 30.28
N ALA B 153 -17.70 5.55 30.08
CA ALA B 153 -16.64 4.72 30.66
C ALA B 153 -15.53 4.52 29.63
N LEU B 154 -14.29 4.73 30.07
CA LEU B 154 -13.14 4.66 29.19
C LEU B 154 -12.82 3.20 28.84
N GLN B 155 -12.74 2.91 27.54
CA GLN B 155 -12.55 1.56 27.07
C GLN B 155 -11.07 1.22 26.92
N SER B 156 -10.77 -0.06 27.05
CA SER B 156 -9.49 -0.64 26.65
C SER B 156 -9.76 -2.05 26.16
N GLY B 157 -9.04 -2.47 25.13
CA GLY B 157 -8.98 -3.87 24.77
C GLY B 157 -9.85 -4.29 23.59
N ASN B 158 -10.69 -3.41 23.07
CA ASN B 158 -11.62 -3.81 22.03
C ASN B 158 -11.54 -2.93 20.80
N SER B 159 -10.40 -2.27 20.55
CA SER B 159 -10.26 -1.42 19.38
C SER B 159 -8.89 -1.62 18.73
N GLN B 160 -8.86 -1.39 17.41
CA GLN B 160 -7.65 -1.43 16.62
C GLN B 160 -7.56 -0.18 15.76
N GLU B 161 -6.34 0.34 15.62
CA GLU B 161 -6.03 1.54 14.85
C GLU B 161 -5.21 1.21 13.60
N SER B 162 -5.36 2.06 12.59
CA SER B 162 -4.55 1.98 11.39
C SER B 162 -4.31 3.39 10.90
N VAL B 163 -3.11 3.70 10.44
CA VAL B 163 -2.77 5.04 9.95
C VAL B 163 -2.33 4.88 8.51
N THR B 164 -2.71 5.85 7.66
CA THR B 164 -2.27 5.87 6.28
C THR B 164 -0.81 6.27 6.16
N GLU B 165 -0.25 5.97 5.00
CA GLU B 165 0.98 6.61 4.59
C GLU B 165 0.74 8.12 4.46
N GLN B 166 1.83 8.86 4.37
CA GLN B 166 1.74 10.30 4.21
C GLN B 166 1.15 10.64 2.84
N ASP B 167 0.17 11.56 2.82
CA ASP B 167 -0.50 11.89 1.57
C ASP B 167 0.45 12.58 0.58
N SER B 168 0.37 12.18 -0.68
CA SER B 168 1.23 12.72 -1.71
C SER B 168 0.82 14.11 -2.19
N LYS B 169 -0.37 14.59 -1.87
CA LYS B 169 -0.76 15.95 -2.24
C LYS B 169 -0.53 16.95 -1.11
N ASP B 170 -0.94 16.64 0.13
CA ASP B 170 -0.89 17.63 1.20
C ASP B 170 -0.07 17.17 2.40
N SER B 171 0.55 16.00 2.35
CA SER B 171 1.52 15.59 3.35
C SER B 171 0.89 15.34 4.71
N THR B 172 -0.39 15.06 4.72
CA THR B 172 -1.09 14.74 5.95
C THR B 172 -1.26 13.22 6.10
N TYR B 173 -1.81 12.84 7.24
CA TYR B 173 -2.12 11.47 7.58
C TYR B 173 -3.60 11.39 7.89
N SER B 174 -4.16 10.18 7.78
CA SER B 174 -5.47 9.88 8.30
C SER B 174 -5.38 8.63 9.16
N LEU B 175 -6.31 8.51 10.09
CA LEU B 175 -6.26 7.38 11.01
C LEU B 175 -7.67 6.88 11.26
N SER B 176 -7.80 5.56 11.40
CA SER B 176 -9.04 4.94 11.79
C SER B 176 -8.85 4.17 13.09
N SER B 177 -9.85 4.26 13.97
CA SER B 177 -9.90 3.45 15.18
C SER B 177 -11.26 2.75 15.15
N THR B 178 -11.25 1.43 15.23
CA THR B 178 -12.45 0.61 15.11
C THR B 178 -12.67 -0.14 16.42
N LEU B 179 -13.81 0.12 17.04
CA LEU B 179 -14.25 -0.61 18.23
C LEU B 179 -15.15 -1.75 17.78
N THR B 180 -14.83 -2.97 18.21
CA THR B 180 -15.60 -4.14 17.83
C THR B 180 -16.16 -4.83 19.06
N LEU B 181 -17.48 -5.04 19.08
CA LEU B 181 -18.17 -5.75 20.14
C LEU B 181 -19.13 -6.77 19.55
N SER B 182 -19.48 -7.76 20.36
CA SER B 182 -20.60 -8.63 20.02
C SER B 182 -21.89 -7.82 19.97
N LYS B 183 -22.86 -8.30 19.20
CA LYS B 183 -24.16 -7.63 19.18
C LYS B 183 -24.70 -7.49 20.61
N ALA B 184 -24.55 -8.55 21.40
CA ALA B 184 -25.08 -8.54 22.76
C ALA B 184 -24.41 -7.47 23.61
N ASP B 185 -23.09 -7.39 23.58
CA ASP B 185 -22.38 -6.37 24.35
C ASP B 185 -22.72 -4.98 23.85
N TYR B 186 -22.84 -4.82 22.54
CA TYR B 186 -23.21 -3.52 21.98
C TYR B 186 -24.57 -3.09 22.52
N GLU B 187 -25.53 -4.00 22.60
CA GLU B 187 -26.86 -3.67 23.06
C GLU B 187 -26.95 -3.49 24.58
N LYS B 188 -25.84 -3.65 25.30
CA LYS B 188 -25.83 -3.38 26.73
C LYS B 188 -25.65 -1.91 27.05
N HIS B 189 -25.36 -1.07 26.06
CA HIS B 189 -24.93 0.30 26.32
C HIS B 189 -25.63 1.26 25.36
N LYS B 190 -25.67 2.53 25.77
CA LYS B 190 -26.40 3.56 25.06
C LYS B 190 -25.47 4.48 24.27
N VAL B 191 -24.49 5.08 24.93
CA VAL B 191 -23.67 6.13 24.35
C VAL B 191 -22.34 5.55 23.89
N TYR B 192 -21.97 5.85 22.65
CA TYR B 192 -20.70 5.46 22.06
C TYR B 192 -20.03 6.72 21.56
N ALA B 193 -18.79 6.94 22.00
CA ALA B 193 -18.06 8.17 21.74
C ALA B 193 -16.59 7.88 21.50
N CYS B 194 -15.98 8.59 20.55
CA CYS B 194 -14.53 8.61 20.41
C CYS B 194 -14.06 10.02 20.70
N GLU B 195 -13.03 10.13 21.53
CA GLU B 195 -12.43 11.41 21.92
C GLU B 195 -11.03 11.50 21.35
N VAL B 196 -10.75 12.61 20.66
CA VAL B 196 -9.52 12.77 19.90
C VAL B 196 -8.72 13.92 20.50
N THR B 197 -7.44 13.66 20.77
CA THR B 197 -6.47 14.65 21.19
C THR B 197 -5.38 14.73 20.14
N HIS B 198 -4.98 15.96 19.78
CA HIS B 198 -3.98 16.16 18.75
C HIS B 198 -3.39 17.55 18.90
N GLN B 199 -2.15 17.70 18.43
CA GLN B 199 -1.46 18.98 18.54
C GLN B 199 -2.24 20.17 17.96
N GLY B 200 -3.01 19.96 16.90
CA GLY B 200 -3.73 21.05 16.29
C GLY B 200 -5.10 21.34 16.88
N LEU B 201 -5.47 20.61 17.93
CA LEU B 201 -6.74 20.80 18.61
C LEU B 201 -6.49 21.44 19.97
N SER B 202 -7.07 22.62 20.20
CA SER B 202 -6.83 23.28 21.47
C SER B 202 -7.55 22.59 22.62
N SER B 203 -8.58 21.81 22.30
CA SER B 203 -9.28 20.97 23.26
C SER B 203 -9.65 19.67 22.58
N PRO B 204 -9.79 18.57 23.32
CA PRO B 204 -10.21 17.31 22.70
C PRO B 204 -11.56 17.43 22.00
N VAL B 205 -11.67 16.76 20.85
CA VAL B 205 -12.89 16.71 20.07
C VAL B 205 -13.54 15.35 20.32
N THR B 206 -14.83 15.36 20.61
CA THR B 206 -15.58 14.14 20.87
C THR B 206 -16.70 14.03 19.82
N LYS B 207 -16.76 12.89 19.17
CA LYS B 207 -17.90 12.53 18.33
C LYS B 207 -18.59 11.35 19.00
N SER B 208 -19.91 11.46 19.19
CA SER B 208 -20.68 10.47 19.92
C SER B 208 -22.02 10.24 19.23
N PHE B 209 -22.64 9.12 19.56
CA PHE B 209 -24.00 8.83 19.15
C PHE B 209 -24.65 7.89 20.17
N ASN B 210 -25.97 7.86 20.15
CA ASN B 210 -26.75 6.93 20.98
C ASN B 210 -27.20 5.78 20.12
N ARG B 211 -27.01 4.56 20.63
CA ARG B 211 -27.35 3.33 19.91
C ARG B 211 -28.67 3.49 19.16
N GLY B 212 -29.68 4.07 19.80
CA GLY B 212 -30.87 4.48 19.07
C GLY B 212 -30.79 5.94 18.62
#